data_4R3H
#
_entry.id   4R3H
#
_cell.length_a   39.264
_cell.length_b   103.026
_cell.length_c   41.585
_cell.angle_alpha   90.000
_cell.angle_beta   105.860
_cell.angle_gamma   90.000
#
_symmetry.space_group_name_H-M   'P 1 21 1'
#
loop_
_entity.id
_entity.type
_entity.pdbx_description
1 polymer 'YTH domain-containing protein 1'
2 non-polymer 'UNKNOWN ATOM OR ION'
3 non-polymer 'SULFATE ION'
4 water water
#
_entity_poly.entity_id   1
_entity_poly.type   'polypeptide(L)'
_entity_poly.pdbx_seq_one_letter_code
;GTSKLKYVLQDARFFLIKSNNHENVSLAKAKGVWSTLPVNEKKLNLAFRSARSVILIFSVRESGKFQGFARLSSESHHGG
SPIHWVLPAGMSAKMLGGVFKIDWICRRELPFTKSAHLTNPWNEHKPVKIGRDGQEIELECGTQLCLLFPPDESIDLYQV
IHKMRH
;
_entity_poly.pdbx_strand_id   A,B
#
loop_
_chem_comp.id
_chem_comp.type
_chem_comp.name
_chem_comp.formula
SO4 non-polymer 'SULFATE ION' 'O4 S -2'
UNX non-polymer 'UNKNOWN ATOM OR ION' ?
#
# COMPACT_ATOMS: atom_id res chain seq x y z
N GLY A 1 -8.76 -12.13 -21.58
CA GLY A 1 -8.85 -12.51 -20.13
C GLY A 1 -7.53 -12.45 -19.40
N THR A 2 -7.51 -12.85 -18.13
CA THR A 2 -6.33 -12.76 -17.25
C THR A 2 -5.77 -14.12 -16.75
N SER A 3 -6.26 -15.22 -17.32
CA SER A 3 -5.88 -16.54 -16.81
C SER A 3 -4.44 -16.92 -17.19
N LYS A 4 -4.05 -16.68 -18.46
CA LYS A 4 -2.64 -16.91 -18.85
C LYS A 4 -1.70 -16.00 -18.07
N LEU A 5 -2.12 -14.75 -17.86
CA LEU A 5 -1.33 -13.83 -17.07
C LEU A 5 -1.09 -14.39 -15.67
N LYS A 6 -2.14 -14.90 -15.02
CA LYS A 6 -1.99 -15.45 -13.69
C LYS A 6 -1.08 -16.64 -13.68
N TYR A 7 -1.16 -17.45 -14.74
CA TYR A 7 -0.26 -18.57 -14.87
C TYR A 7 1.21 -18.08 -14.98
N VAL A 8 1.47 -17.06 -15.77
CA VAL A 8 2.82 -16.52 -15.91
C VAL A 8 3.32 -16.00 -14.54
N LEU A 9 2.42 -15.39 -13.76
CA LEU A 9 2.77 -14.77 -12.47
C LEU A 9 2.87 -15.74 -11.29
N GLN A 10 2.35 -16.96 -11.47
CA GLN A 10 2.49 -18.01 -10.48
C GLN A 10 3.88 -18.17 -9.93
N ASP A 11 4.04 -17.89 -8.64
CA ASP A 11 5.34 -18.04 -7.95
C ASP A 11 6.51 -17.28 -8.64
N ALA A 12 6.20 -16.14 -9.21
CA ALA A 12 7.18 -15.25 -9.77
C ALA A 12 7.80 -14.45 -8.66
N ARG A 13 8.91 -13.83 -8.99
CA ARG A 13 9.52 -12.75 -8.19
C ARG A 13 9.32 -11.49 -8.94
N PHE A 14 9.23 -10.38 -8.19
CA PHE A 14 8.91 -9.11 -8.79
C PHE A 14 9.90 -8.04 -8.37
N PHE A 15 10.34 -7.23 -9.31
CA PHE A 15 11.26 -6.15 -8.95
C PHE A 15 10.82 -4.83 -9.55
N LEU A 16 10.84 -3.78 -8.73
CA LEU A 16 10.54 -2.43 -9.18
C LEU A 16 11.74 -1.88 -9.92
N ILE A 17 11.51 -1.36 -11.12
CA ILE A 17 12.55 -0.68 -11.87
C ILE A 17 12.14 0.79 -12.00
N LYS A 18 13.01 1.68 -11.52
CA LYS A 18 12.78 3.11 -11.60
C LYS A 18 13.71 3.62 -12.64
N SER A 19 13.15 4.28 -13.65
CA SER A 19 13.96 4.83 -14.71
C SER A 19 13.88 6.33 -14.57
N ASN A 20 15.00 7.02 -14.79
CA ASN A 20 15.02 8.49 -14.73
C ASN A 20 14.40 9.18 -15.96
N ASN A 21 14.19 8.44 -17.04
CA ASN A 21 13.59 9.02 -18.24
C ASN A 21 12.77 8.05 -19.02
N HIS A 22 11.80 8.60 -19.76
CA HIS A 22 11.00 7.80 -20.66
C HIS A 22 11.80 7.16 -21.80
N GLU A 23 12.84 7.84 -22.29
CA GLU A 23 13.61 7.32 -23.45
C GLU A 23 14.15 5.90 -23.18
N ASN A 24 14.61 5.65 -21.94
CA ASN A 24 15.10 4.30 -21.60
C ASN A 24 14.03 3.24 -21.59
N VAL A 25 12.85 3.57 -21.08
CA VAL A 25 11.74 2.62 -21.12
C VAL A 25 11.25 2.40 -22.55
N SER A 26 11.24 3.44 -23.37
CA SER A 26 10.85 3.30 -24.77
C SER A 26 11.80 2.33 -25.52
N LEU A 27 13.09 2.50 -25.27
CA LEU A 27 14.13 1.66 -25.79
C LEU A 27 13.95 0.22 -25.34
N ALA A 28 13.69 0.01 -24.04
CA ALA A 28 13.45 -1.32 -23.49
C ALA A 28 12.25 -2.01 -24.20
N LYS A 29 11.18 -1.25 -24.42
CA LYS A 29 9.97 -1.74 -25.10
C LYS A 29 10.20 -2.15 -26.53
N ALA A 30 11.00 -1.36 -27.24
CA ALA A 30 11.35 -1.64 -28.65
C ALA A 30 12.32 -2.80 -28.78
N LYS A 31 13.29 -2.88 -27.88
CA LYS A 31 14.45 -3.74 -28.07
C LYS A 31 14.36 -5.03 -27.26
N GLY A 32 13.47 -5.08 -26.29
CA GLY A 32 13.36 -6.27 -25.44
C GLY A 32 14.58 -6.48 -24.55
N VAL A 33 15.13 -5.38 -24.01
CA VAL A 33 16.30 -5.50 -23.14
C VAL A 33 16.23 -4.53 -22.00
N TRP A 34 17.04 -4.79 -20.98
CA TRP A 34 17.19 -3.87 -19.88
C TRP A 34 18.60 -4.03 -19.35
N SER A 35 19.16 -2.92 -18.90
CA SER A 35 20.43 -2.88 -18.24
C SER A 35 20.29 -2.06 -16.95
N THR A 36 20.99 -2.48 -15.91
CA THR A 36 20.88 -1.83 -14.60
C THR A 36 22.27 -1.82 -13.95
N LEU A 37 22.37 -1.11 -12.82
CA LEU A 37 23.62 -1.01 -12.06
C LEU A 37 24.01 -2.38 -11.48
N PRO A 38 25.32 -2.65 -11.32
CA PRO A 38 25.82 -3.95 -10.83
C PRO A 38 25.10 -4.52 -9.60
N VAL A 39 24.79 -3.67 -8.61
CA VAL A 39 24.11 -4.14 -7.40
CA VAL A 39 24.14 -4.16 -7.41
C VAL A 39 22.78 -4.83 -7.77
N ASN A 40 22.03 -4.23 -8.68
CA ASN A 40 20.78 -4.78 -9.12
C ASN A 40 20.95 -5.93 -10.14
N GLU A 41 21.97 -5.83 -10.98
CA GLU A 41 22.31 -6.92 -11.87
C GLU A 41 22.51 -8.24 -11.10
N LYS A 42 23.32 -8.19 -10.05
CA LYS A 42 23.55 -9.38 -9.21
C LYS A 42 22.23 -9.94 -8.64
N LYS A 43 21.39 -9.07 -8.08
CA LYS A 43 20.10 -9.47 -7.52
C LYS A 43 19.22 -10.13 -8.57
N LEU A 44 19.16 -9.53 -9.75
CA LEU A 44 18.37 -10.08 -10.84
C LEU A 44 18.92 -11.41 -11.34
N ASN A 45 20.24 -11.55 -11.50
CA ASN A 45 20.78 -12.84 -11.91
C ASN A 45 20.44 -13.95 -10.90
N LEU A 46 20.70 -13.68 -9.61
CA LEU A 46 20.28 -14.58 -8.55
C LEU A 46 18.81 -14.93 -8.65
N ALA A 47 17.96 -13.92 -8.79
CA ALA A 47 16.53 -14.18 -8.89
C ALA A 47 16.14 -14.99 -10.16
N PHE A 48 16.79 -14.74 -11.30
CA PHE A 48 16.46 -15.50 -12.55
C PHE A 48 16.62 -17.01 -12.41
N ARG A 49 17.65 -17.43 -11.67
CA ARG A 49 17.95 -18.86 -11.42
C ARG A 49 17.05 -19.48 -10.37
N SER A 50 16.36 -18.66 -9.61
CA SER A 50 15.67 -19.10 -8.42
C SER A 50 14.16 -19.28 -8.63
N ALA A 51 13.63 -18.69 -9.68
CA ALA A 51 12.19 -18.56 -9.78
C ALA A 51 11.74 -18.88 -11.19
N ARG A 52 10.51 -19.39 -11.32
CA ARG A 52 9.91 -19.74 -12.58
C ARG A 52 9.79 -18.51 -13.50
N SER A 53 9.48 -17.34 -12.91
CA SER A 53 9.41 -16.07 -13.64
C SER A 53 9.98 -14.98 -12.77
N VAL A 54 10.74 -14.06 -13.36
CA VAL A 54 11.14 -12.88 -12.67
C VAL A 54 10.64 -11.69 -13.45
N ILE A 55 9.77 -10.93 -12.78
CA ILE A 55 9.03 -9.85 -13.41
C ILE A 55 9.58 -8.46 -13.02
N LEU A 56 9.90 -7.66 -14.02
CA LEU A 56 10.27 -6.25 -13.81
C LEU A 56 9.07 -5.31 -14.02
N ILE A 57 8.80 -4.47 -13.04
CA ILE A 57 7.70 -3.53 -13.15
C ILE A 57 8.30 -2.15 -13.24
N PHE A 58 8.02 -1.45 -14.35
CA PHE A 58 8.73 -0.21 -14.74
C PHE A 58 7.96 1.04 -14.34
N SER A 59 8.68 2.01 -13.76
CA SER A 59 8.16 3.34 -13.50
C SER A 59 9.18 4.40 -13.80
N VAL A 60 8.78 5.35 -14.64
CA VAL A 60 9.60 6.52 -14.95
C VAL A 60 9.42 7.58 -13.86
N ARG A 61 10.56 8.02 -13.30
CA ARG A 61 10.56 8.97 -12.18
C ARG A 61 9.78 10.21 -12.56
N GLU A 62 9.01 10.71 -11.60
CA GLU A 62 8.16 11.91 -11.77
C GLU A 62 6.94 11.75 -12.70
N SER A 63 6.74 10.59 -13.32
CA SER A 63 5.63 10.39 -14.26
C SER A 63 4.32 10.18 -13.54
N GLY A 64 4.37 9.72 -12.29
CA GLY A 64 3.16 9.39 -11.57
C GLY A 64 2.51 8.09 -12.03
N LYS A 65 3.24 7.28 -12.79
CA LYS A 65 2.70 5.98 -13.29
C LYS A 65 3.74 4.92 -13.47
N PHE A 66 3.24 3.68 -13.63
CA PHE A 66 4.01 2.57 -14.14
C PHE A 66 3.75 2.51 -15.60
N GLN A 67 4.77 2.08 -16.36
CA GLN A 67 4.69 2.08 -17.81
C GLN A 67 4.63 0.68 -18.39
N GLY A 68 4.59 -0.31 -17.54
CA GLY A 68 4.47 -1.67 -17.98
C GLY A 68 5.25 -2.66 -17.16
N PHE A 69 5.21 -3.91 -17.60
CA PHE A 69 5.99 -4.97 -17.01
C PHE A 69 6.37 -6.07 -17.97
N ALA A 70 7.54 -6.63 -17.69
CA ALA A 70 8.21 -7.60 -18.52
C ALA A 70 8.80 -8.77 -17.68
N ARG A 71 8.99 -9.91 -18.32
CA ARG A 71 9.62 -11.06 -17.70
C ARG A 71 11.06 -11.21 -18.19
N LEU A 72 11.99 -11.40 -17.26
CA LEU A 72 13.37 -11.73 -17.63
C LEU A 72 13.41 -13.03 -18.42
N SER A 73 14.03 -13.00 -19.59
CA SER A 73 14.19 -14.24 -20.36
C SER A 73 15.61 -14.78 -20.34
N SER A 74 16.58 -14.00 -19.78
CA SER A 74 17.96 -14.45 -19.63
C SER A 74 18.64 -13.79 -18.42
N GLU A 75 19.79 -14.31 -18.03
CA GLU A 75 20.71 -13.58 -17.17
C GLU A 75 21.34 -12.45 -17.97
N SER A 76 22.04 -11.53 -17.29
CA SER A 76 22.72 -10.43 -17.98
C SER A 76 23.87 -10.96 -18.78
N HIS A 77 24.16 -10.31 -19.89
CA HIS A 77 25.28 -10.66 -20.75
C HIS A 77 26.00 -9.39 -21.24
N HIS A 78 27.29 -9.54 -21.59
CA HIS A 78 28.17 -8.42 -21.97
C HIS A 78 28.77 -8.60 -23.35
N GLY A 79 29.11 -7.48 -23.99
CA GLY A 79 29.81 -7.47 -25.28
C GLY A 79 28.91 -7.33 -26.53
N GLY A 80 27.60 -7.22 -26.31
CA GLY A 80 26.60 -7.14 -27.41
C GLY A 80 26.52 -5.78 -28.09
N SER A 81 25.48 -5.58 -28.91
CA SER A 81 25.32 -4.32 -29.68
C SER A 81 24.96 -3.16 -28.73
N PRO A 82 25.85 -2.14 -28.60
CA PRO A 82 25.63 -1.15 -27.55
C PRO A 82 24.26 -0.49 -27.61
N ILE A 83 23.55 -0.46 -26.48
CA ILE A 83 22.23 0.17 -26.38
C ILE A 83 22.44 1.63 -25.96
N HIS A 84 21.79 2.57 -26.65
CA HIS A 84 22.06 3.96 -26.36
C HIS A 84 21.15 4.48 -25.27
N TRP A 85 21.37 4.00 -24.05
CA TRP A 85 20.64 4.51 -22.91
C TRP A 85 20.93 6.00 -22.75
N VAL A 86 19.92 6.74 -22.28
CA VAL A 86 20.14 8.11 -21.77
C VAL A 86 20.40 7.97 -20.28
N LEU A 87 21.66 8.12 -19.87
CA LEU A 87 22.08 7.71 -18.52
C LEU A 87 21.89 8.79 -17.43
N MET A 95 29.49 2.07 -16.58
CA MET A 95 28.99 1.98 -15.21
C MET A 95 27.82 0.99 -15.14
N LEU A 96 27.17 0.77 -16.27
CA LEU A 96 26.06 -0.18 -16.34
C LEU A 96 26.57 -1.60 -16.35
N GLY A 97 25.75 -2.50 -15.79
CA GLY A 97 25.99 -3.92 -15.87
C GLY A 97 25.84 -4.46 -17.31
N GLY A 98 25.48 -5.72 -17.38
CA GLY A 98 25.20 -6.37 -18.62
C GLY A 98 23.77 -6.10 -19.01
N VAL A 99 23.37 -6.73 -20.10
CA VAL A 99 22.06 -6.57 -20.67
C VAL A 99 21.25 -7.86 -20.36
N PHE A 100 20.03 -7.66 -19.87
CA PHE A 100 19.05 -8.72 -19.75
C PHE A 100 18.14 -8.68 -20.95
N LYS A 101 17.80 -9.85 -21.50
CA LYS A 101 16.73 -9.91 -22.48
C LYS A 101 15.51 -10.01 -21.68
N ILE A 102 14.46 -9.31 -22.13
CA ILE A 102 13.18 -9.33 -21.51
C ILE A 102 12.07 -9.55 -22.55
N ASP A 103 10.96 -10.13 -22.09
CA ASP A 103 9.72 -10.28 -22.87
C ASP A 103 8.68 -9.43 -22.19
N TRP A 104 8.10 -8.47 -22.91
CA TRP A 104 7.06 -7.69 -22.33
C TRP A 104 5.81 -8.52 -22.14
N ILE A 105 5.14 -8.28 -21.01
CA ILE A 105 3.88 -8.84 -20.73
C ILE A 105 2.80 -7.77 -20.86
N CYS A 106 3.16 -6.54 -20.53
CA CYS A 106 2.23 -5.43 -20.58
C CYS A 106 3.00 -4.14 -20.81
N ARG A 107 2.73 -3.47 -21.93
CA ARG A 107 3.37 -2.20 -22.25
C ARG A 107 2.44 -0.99 -21.97
N ARG A 108 1.35 -1.26 -21.26
CA ARG A 108 0.38 -0.20 -20.91
C ARG A 108 0.72 0.40 -19.57
N GLU A 109 0.24 1.62 -19.38
CA GLU A 109 0.53 2.42 -18.23
C GLU A 109 -0.48 2.09 -17.14
N LEU A 110 -0.09 2.34 -15.90
CA LEU A 110 -0.99 2.30 -14.77
C LEU A 110 -0.69 3.49 -13.87
N PRO A 111 -1.67 4.36 -13.63
CA PRO A 111 -1.47 5.44 -12.67
C PRO A 111 -1.30 4.98 -11.23
N PHE A 112 -0.47 5.70 -10.48
CA PHE A 112 -0.22 5.42 -9.09
C PHE A 112 -1.51 5.54 -8.29
N THR A 113 -2.40 6.43 -8.72
CA THR A 113 -3.71 6.57 -8.09
C THR A 113 -4.42 5.22 -8.00
N LYS A 114 -4.14 4.29 -8.93
CA LYS A 114 -4.82 2.99 -8.98
C LYS A 114 -4.19 1.91 -8.11
N SER A 115 -2.96 2.13 -7.68
CA SER A 115 -2.26 1.13 -6.86
C SER A 115 -2.11 1.59 -5.37
N ALA A 116 -2.90 2.60 -4.97
CA ALA A 116 -2.76 3.21 -3.65
C ALA A 116 -3.06 2.23 -2.56
N HIS A 117 -3.84 1.19 -2.88
CA HIS A 117 -4.22 0.18 -1.90
C HIS A 117 -3.22 -0.96 -1.77
N LEU A 118 -2.12 -0.92 -2.50
CA LEU A 118 -1.16 -2.02 -2.50
C LEU A 118 0.08 -1.56 -1.85
N THR A 119 0.43 -2.23 -0.76
CA THR A 119 1.64 -1.94 -0.03
C THR A 119 2.61 -3.10 -0.14
N ASN A 120 3.91 -2.79 -0.05
CA ASN A 120 4.99 -3.77 -0.25
C ASN A 120 5.66 -4.06 1.06
N PRO A 121 5.40 -5.27 1.63
CA PRO A 121 5.99 -5.68 2.90
C PRO A 121 7.51 -5.59 2.91
N TRP A 122 8.14 -5.73 1.73
CA TRP A 122 9.62 -5.65 1.66
C TRP A 122 10.15 -4.20 1.59
N ASN A 123 9.27 -3.21 1.57
CA ASN A 123 9.71 -1.81 1.72
C ASN A 123 8.87 -1.16 2.80
N GLU A 124 8.86 -1.79 3.96
CA GLU A 124 8.18 -1.23 5.14
C GLU A 124 6.66 -0.95 4.94
N HIS A 125 6.00 -1.77 4.12
CA HIS A 125 4.56 -1.63 3.85
C HIS A 125 4.18 -0.23 3.33
N LYS A 126 5.14 0.40 2.66
CA LYS A 126 4.89 1.63 1.95
C LYS A 126 4.16 1.32 0.64
N PRO A 127 3.37 2.30 0.12
CA PRO A 127 2.76 2.04 -1.18
C PRO A 127 3.81 1.53 -2.21
N VAL A 128 3.40 0.55 -2.97
CA VAL A 128 4.30 -0.16 -3.90
C VAL A 128 4.97 0.75 -4.95
N LYS A 129 4.29 1.84 -5.33
CA LYS A 129 4.94 2.95 -6.10
C LYS A 129 6.22 3.49 -5.49
N ILE A 130 6.37 3.40 -4.16
CA ILE A 130 7.54 3.91 -3.48
C ILE A 130 8.62 2.84 -3.44
N GLY A 131 9.80 3.17 -3.90
CA GLY A 131 10.92 2.28 -3.79
C GLY A 131 12.07 2.66 -4.70
N ARG A 132 13.27 2.32 -4.28
CA ARG A 132 14.44 2.48 -5.10
C ARG A 132 14.39 1.49 -6.26
N ASP A 133 15.09 1.84 -7.31
CA ASP A 133 15.33 0.98 -8.45
C ASP A 133 15.89 -0.34 -7.94
N GLY A 134 15.31 -1.45 -8.40
CA GLY A 134 15.70 -2.77 -7.94
C GLY A 134 15.03 -3.29 -6.66
N GLN A 135 14.17 -2.49 -6.02
CA GLN A 135 13.42 -2.95 -4.83
C GLN A 135 12.57 -4.18 -5.17
N GLU A 136 12.76 -5.25 -4.44
CA GLU A 136 11.96 -6.41 -4.64
C GLU A 136 10.54 -6.16 -4.13
N ILE A 137 9.56 -6.65 -4.86
CA ILE A 137 8.19 -6.56 -4.44
C ILE A 137 7.71 -7.94 -4.01
N GLU A 138 7.19 -8.02 -2.81
CA GLU A 138 6.65 -9.29 -2.26
C GLU A 138 5.57 -9.93 -3.17
N LEU A 139 5.50 -11.26 -3.16
CA LEU A 139 4.70 -12.04 -4.08
C LEU A 139 3.27 -11.54 -4.29
N GLU A 140 2.47 -11.43 -3.20
CA GLU A 140 1.04 -11.10 -3.36
C GLU A 140 0.84 -9.64 -3.85
N CYS A 141 1.63 -8.73 -3.28
CA CYS A 141 1.66 -7.33 -3.74
C CYS A 141 1.97 -7.24 -5.23
N GLY A 142 3.01 -7.95 -5.64
CA GLY A 142 3.46 -7.86 -7.02
C GLY A 142 2.43 -8.42 -7.98
N THR A 143 1.85 -9.54 -7.60
CA THR A 143 0.83 -10.20 -8.38
C THR A 143 -0.35 -9.31 -8.56
N GLN A 144 -0.83 -8.75 -7.45
CA GLN A 144 -1.99 -7.89 -7.53
C GLN A 144 -1.69 -6.61 -8.34
N LEU A 145 -0.46 -6.11 -8.26
CA LEU A 145 -0.06 -4.93 -8.97
C LEU A 145 -0.11 -5.18 -10.48
N CYS A 146 0.49 -6.26 -10.94
CA CYS A 146 0.42 -6.65 -12.36
C CYS A 146 -1.02 -6.86 -12.85
N LEU A 147 -1.87 -7.42 -12.01
CA LEU A 147 -3.26 -7.59 -12.34
C LEU A 147 -4.06 -6.30 -12.45
N LEU A 148 -3.59 -5.21 -11.83
CA LEU A 148 -4.25 -3.91 -12.00
C LEU A 148 -4.10 -3.30 -13.40
N PHE A 149 -2.99 -3.59 -14.09
CA PHE A 149 -2.74 -2.99 -15.38
C PHE A 149 -3.83 -3.33 -16.40
N PRO A 150 -4.20 -2.37 -17.29
CA PRO A 150 -5.04 -2.76 -18.40
C PRO A 150 -4.41 -3.92 -19.14
N PRO A 151 -5.21 -4.91 -19.52
CA PRO A 151 -4.60 -5.95 -20.37
C PRO A 151 -4.10 -5.38 -21.72
N ASP A 152 -2.95 -5.88 -22.18
CA ASP A 152 -2.30 -5.47 -23.39
C ASP A 152 -2.63 -6.54 -24.45
N GLU A 153 -3.60 -6.21 -25.29
CA GLU A 153 -4.10 -7.17 -26.26
C GLU A 153 -3.16 -7.37 -27.46
N SER A 154 -2.10 -6.57 -27.53
CA SER A 154 -1.03 -6.76 -28.55
C SER A 154 -0.04 -7.90 -28.19
N ILE A 155 -0.02 -8.33 -26.94
CA ILE A 155 0.93 -9.39 -26.51
C ILE A 155 0.18 -10.74 -26.38
N ASP A 156 0.73 -11.76 -27.03
CA ASP A 156 0.22 -13.10 -26.89
C ASP A 156 1.06 -13.80 -25.82
N LEU A 157 0.46 -14.07 -24.67
CA LEU A 157 1.19 -14.73 -23.57
C LEU A 157 1.55 -16.22 -23.80
N TYR A 158 0.97 -16.85 -24.82
CA TYR A 158 1.36 -18.19 -25.17
C TYR A 158 2.88 -18.28 -25.46
N GLN A 159 3.36 -17.24 -26.12
CA GLN A 159 4.74 -17.12 -26.53
C GLN A 159 5.66 -17.05 -25.29
N VAL A 160 5.23 -16.28 -24.32
CA VAL A 160 5.95 -16.12 -23.08
C VAL A 160 5.91 -17.42 -22.23
N ILE A 161 4.75 -18.03 -22.13
CA ILE A 161 4.60 -19.36 -21.47
C ILE A 161 5.57 -20.42 -22.05
N HIS A 162 5.74 -20.41 -23.38
CA HIS A 162 6.64 -21.34 -24.06
C HIS A 162 8.13 -21.19 -23.68
N LYS A 163 8.52 -20.09 -23.01
CA LYS A 163 9.91 -19.96 -22.48
C LYS A 163 10.02 -20.81 -21.20
N MET A 164 9.53 -20.28 -20.09
CA MET A 164 9.23 -21.10 -18.90
C MET A 164 8.55 -22.43 -19.28
N GLY B 1 -17.00 21.10 3.11
CA GLY B 1 -17.90 21.34 4.28
C GLY B 1 -17.93 20.16 5.22
N THR B 2 -18.29 20.42 6.46
CA THR B 2 -18.27 19.43 7.49
C THR B 2 -19.61 18.66 7.72
N SER B 3 -20.64 18.92 6.93
CA SER B 3 -21.95 18.28 7.13
C SER B 3 -21.87 16.76 7.06
N LYS B 4 -21.19 16.20 6.06
CA LYS B 4 -21.09 14.73 5.93
C LYS B 4 -20.36 14.12 7.07
N LEU B 5 -19.21 14.73 7.43
CA LEU B 5 -18.44 14.26 8.50
C LEU B 5 -19.21 14.31 9.78
N LYS B 6 -19.86 15.43 10.07
CA LYS B 6 -20.64 15.51 11.32
C LYS B 6 -21.74 14.45 11.36
N TYR B 7 -22.36 14.17 10.22
CA TYR B 7 -23.34 13.11 10.11
C TYR B 7 -22.74 11.72 10.49
N VAL B 8 -21.57 11.43 9.99
CA VAL B 8 -20.85 10.17 10.27
C VAL B 8 -20.55 10.04 11.76
N LEU B 9 -20.10 11.14 12.36
CA LEU B 9 -19.73 11.20 13.77
C LEU B 9 -20.90 11.36 14.74
N GLN B 10 -22.10 11.63 14.26
CA GLN B 10 -23.24 11.80 15.15
C GLN B 10 -23.47 10.53 15.99
N ASP B 11 -23.63 10.69 17.29
CA ASP B 11 -23.80 9.52 18.17
C ASP B 11 -22.67 8.44 18.04
N ALA B 12 -21.46 8.84 17.63
CA ALA B 12 -20.35 7.91 17.48
C ALA B 12 -19.70 7.55 18.84
N ARG B 13 -19.01 6.40 18.91
CA ARG B 13 -18.00 6.16 19.99
C ARG B 13 -16.63 6.23 19.39
N PHE B 14 -15.63 6.61 20.20
CA PHE B 14 -14.28 6.94 19.73
C PHE B 14 -13.26 6.25 20.57
N PHE B 15 -12.26 5.67 19.92
CA PHE B 15 -11.19 5.02 20.61
C PHE B 15 -9.85 5.44 20.08
N LEU B 16 -8.93 5.69 21.01
CA LEU B 16 -7.54 5.98 20.68
C LEU B 16 -6.84 4.66 20.36
N ILE B 17 -6.19 4.60 19.20
CA ILE B 17 -5.43 3.45 18.84
C ILE B 17 -3.94 3.84 18.84
N LYS B 18 -3.12 3.13 19.60
CA LYS B 18 -1.66 3.40 19.60
C LYS B 18 -0.96 2.24 18.92
N SER B 19 -0.20 2.53 17.88
CA SER B 19 0.57 1.53 17.13
C SER B 19 2.05 1.69 17.42
N ASN B 20 2.77 0.56 17.47
CA ASN B 20 4.20 0.56 17.76
C ASN B 20 5.02 1.10 16.61
N ASN B 21 4.47 1.11 15.40
CA ASN B 21 5.23 1.51 14.21
C ASN B 21 4.35 2.01 13.08
N HIS B 22 4.98 2.77 12.21
CA HIS B 22 4.27 3.32 11.07
C HIS B 22 3.85 2.24 10.07
N GLU B 23 4.60 1.14 10.00
CA GLU B 23 4.35 0.09 9.00
C GLU B 23 2.97 -0.50 9.10
N ASN B 24 2.55 -0.82 10.31
CA ASN B 24 1.22 -1.39 10.50
C ASN B 24 0.12 -0.41 10.14
N VAL B 25 0.33 0.86 10.44
CA VAL B 25 -0.60 1.88 10.05
C VAL B 25 -0.67 2.02 8.54
N SER B 26 0.47 1.96 7.87
CA SER B 26 0.52 2.03 6.43
C SER B 26 -0.25 0.84 5.80
N LEU B 27 -0.07 -0.35 6.37
CA LEU B 27 -0.74 -1.55 5.94
C LEU B 27 -2.26 -1.38 6.16
N ALA B 28 -2.61 -0.87 7.34
CA ALA B 28 -4.02 -0.69 7.72
C ALA B 28 -4.70 0.34 6.85
N LYS B 29 -4.00 1.42 6.53
CA LYS B 29 -4.53 2.46 5.65
C LYS B 29 -4.81 1.94 4.23
N ALA B 30 -3.94 1.08 3.72
CA ALA B 30 -4.08 0.56 2.38
C ALA B 30 -5.20 -0.48 2.25
N LYS B 31 -5.26 -1.37 3.22
CA LYS B 31 -6.06 -2.56 3.18
C LYS B 31 -7.39 -2.36 3.92
N GLY B 32 -7.49 -1.33 4.74
CA GLY B 32 -8.73 -1.09 5.53
C GLY B 32 -8.98 -2.19 6.55
N VAL B 33 -7.95 -2.49 7.35
CA VAL B 33 -8.03 -3.54 8.39
C VAL B 33 -7.32 -3.05 9.62
N TRP B 34 -7.73 -3.57 10.78
CA TRP B 34 -6.96 -3.39 12.02
C TRP B 34 -7.13 -4.60 12.96
N SER B 35 -6.09 -4.86 13.75
CA SER B 35 -6.11 -5.91 14.79
C SER B 35 -5.51 -5.34 16.08
N THR B 36 -6.08 -5.72 17.21
CA THR B 36 -5.67 -5.17 18.49
C THR B 36 -5.65 -6.28 19.52
N LEU B 37 -5.17 -5.98 20.70
CA LEU B 37 -5.09 -6.99 21.74
C LEU B 37 -6.50 -7.39 22.22
N PRO B 38 -6.63 -8.62 22.79
CA PRO B 38 -7.92 -9.15 23.23
C PRO B 38 -8.78 -8.19 24.04
N VAL B 39 -8.18 -7.49 25.01
CA VAL B 39 -8.95 -6.60 25.88
C VAL B 39 -9.64 -5.57 25.04
N ASN B 40 -8.87 -4.95 24.15
CA ASN B 40 -9.38 -3.95 23.26
C ASN B 40 -10.32 -4.48 22.19
N GLU B 41 -10.04 -5.66 21.67
CA GLU B 41 -10.91 -6.28 20.67
C GLU B 41 -12.33 -6.44 21.25
N LYS B 42 -12.42 -6.88 22.50
CA LYS B 42 -13.72 -7.13 23.14
C LYS B 42 -14.51 -5.81 23.23
N LYS B 43 -13.84 -4.75 23.70
CA LYS B 43 -14.42 -3.42 23.83
C LYS B 43 -14.92 -2.90 22.48
N LEU B 44 -14.10 -3.07 21.43
CA LEU B 44 -14.47 -2.63 20.09
C LEU B 44 -15.69 -3.38 19.54
N ASN B 45 -15.77 -4.68 19.79
CA ASN B 45 -16.91 -5.48 19.35
C ASN B 45 -18.20 -5.03 20.05
N LEU B 46 -18.12 -4.87 21.38
CA LEU B 46 -19.24 -4.28 22.16
C LEU B 46 -19.64 -2.93 21.59
N ALA B 47 -18.67 -2.06 21.39
CA ALA B 47 -18.95 -0.74 20.87
C ALA B 47 -19.67 -0.81 19.48
N PHE B 48 -19.18 -1.66 18.58
CA PHE B 48 -19.76 -1.80 17.23
C PHE B 48 -21.24 -2.16 17.21
N ARG B 49 -21.66 -3.02 18.14
CA ARG B 49 -23.08 -3.43 18.24
C ARG B 49 -23.96 -2.40 18.93
N SER B 50 -23.35 -1.51 19.72
CA SER B 50 -24.10 -0.57 20.53
C SER B 50 -24.25 0.77 19.82
N ALA B 51 -23.26 1.14 19.02
CA ALA B 51 -23.16 2.49 18.48
C ALA B 51 -23.35 2.57 16.97
N ARG B 52 -23.84 3.73 16.55
CA ARG B 52 -24.08 4.06 15.15
C ARG B 52 -22.77 4.05 14.35
N SER B 53 -21.72 4.58 14.94
CA SER B 53 -20.40 4.55 14.36
C SER B 53 -19.39 4.28 15.47
N VAL B 54 -18.33 3.55 15.15
CA VAL B 54 -17.18 3.41 16.07
C VAL B 54 -15.94 3.86 15.30
N ILE B 55 -15.37 4.96 15.79
CA ILE B 55 -14.23 5.64 15.22
C ILE B 55 -12.96 5.26 15.95
N LEU B 56 -11.95 4.82 15.18
CA LEU B 56 -10.62 4.62 15.66
C LEU B 56 -9.74 5.79 15.26
N ILE B 57 -9.00 6.33 16.23
CA ILE B 57 -8.17 7.51 15.98
C ILE B 57 -6.76 7.07 16.27
N PHE B 58 -5.97 7.02 15.20
CA PHE B 58 -4.63 6.41 15.25
C PHE B 58 -3.52 7.34 15.63
N SER B 59 -2.63 6.85 16.51
CA SER B 59 -1.37 7.55 16.82
C SER B 59 -0.22 6.54 16.96
N VAL B 60 0.80 6.73 16.14
CA VAL B 60 2.01 5.93 16.27
C VAL B 60 2.80 6.44 17.48
N ARG B 61 3.11 5.51 18.38
CA ARG B 61 3.98 5.76 19.56
C ARG B 61 5.23 6.57 19.22
N GLU B 62 5.43 7.64 19.99
CA GLU B 62 6.56 8.56 19.87
C GLU B 62 6.55 9.41 18.60
N SER B 63 5.46 9.37 17.82
CA SER B 63 5.40 10.19 16.60
C SER B 63 5.07 11.69 16.84
N GLY B 64 4.42 12.02 17.95
CA GLY B 64 4.00 13.42 18.18
C GLY B 64 2.75 13.78 17.38
N LYS B 65 2.10 12.77 16.79
CA LYS B 65 0.95 13.05 15.91
C LYS B 65 -0.06 11.97 15.93
N PHE B 66 -1.27 12.30 15.45
CA PHE B 66 -2.21 11.32 15.02
C PHE B 66 -2.01 11.11 13.54
N GLN B 67 -2.23 9.92 13.05
CA GLN B 67 -2.03 9.66 11.62
C GLN B 67 -3.31 9.51 10.84
N GLY B 68 -4.44 9.69 11.50
CA GLY B 68 -5.74 9.60 10.81
C GLY B 68 -6.78 8.96 11.68
N PHE B 69 -7.98 8.77 11.12
CA PHE B 69 -9.04 8.10 11.79
C PHE B 69 -9.94 7.37 10.84
N ALA B 70 -10.57 6.33 11.36
CA ALA B 70 -11.32 5.39 10.55
C ALA B 70 -12.50 4.85 11.33
N ARG B 71 -13.49 4.36 10.59
CA ARG B 71 -14.68 3.81 11.17
C ARG B 71 -14.75 2.30 10.98
N LEU B 72 -15.03 1.57 12.07
CA LEU B 72 -15.35 0.15 11.97
C LEU B 72 -16.52 -0.10 11.02
N SER B 73 -16.33 -0.99 10.04
CA SER B 73 -17.44 -1.50 9.25
C SER B 73 -17.81 -2.90 9.64
N SER B 74 -17.01 -3.54 10.51
CA SER B 74 -17.34 -4.88 11.05
C SER B 74 -16.85 -5.11 12.50
N GLU B 75 -17.41 -6.12 13.15
CA GLU B 75 -16.79 -6.71 14.34
C GLU B 75 -15.56 -7.47 13.85
N SER B 76 -14.74 -7.95 14.78
CA SER B 76 -13.53 -8.64 14.42
C SER B 76 -13.89 -10.03 13.91
N HIS B 77 -13.22 -10.45 12.87
CA HIS B 77 -13.46 -11.76 12.29
C HIS B 77 -12.14 -12.52 12.32
N HIS B 78 -12.24 -13.82 12.57
CA HIS B 78 -11.07 -14.67 12.76
C HIS B 78 -11.01 -15.61 11.59
N GLY B 79 -9.86 -16.24 11.41
CA GLY B 79 -9.66 -17.20 10.33
C GLY B 79 -9.80 -16.60 8.95
N GLY B 80 -9.60 -15.29 8.82
CA GLY B 80 -9.57 -14.63 7.53
C GLY B 80 -8.22 -14.92 6.87
N SER B 81 -7.96 -14.28 5.72
CA SER B 81 -6.61 -14.38 5.12
C SER B 81 -5.64 -13.66 6.07
N PRO B 82 -4.59 -14.36 6.55
CA PRO B 82 -3.76 -13.81 7.64
C PRO B 82 -3.06 -12.47 7.27
N ILE B 83 -3.25 -11.44 8.09
CA ILE B 83 -2.57 -10.15 7.85
C ILE B 83 -1.14 -10.26 8.38
N HIS B 84 -0.17 -9.90 7.57
CA HIS B 84 1.23 -10.05 7.96
C HIS B 84 1.73 -8.80 8.64
N TRP B 85 1.21 -8.53 9.85
CA TRP B 85 1.61 -7.36 10.64
C TRP B 85 3.06 -7.40 11.02
N VAL B 86 3.66 -6.23 11.18
CA VAL B 86 4.98 -6.09 11.73
C VAL B 86 4.88 -6.06 13.28
N LEU B 87 5.49 -7.03 13.96
CA LEU B 87 5.22 -7.32 15.41
C LEU B 87 6.20 -6.72 16.41
N GLY B 97 -5.10 -11.59 17.58
CA GLY B 97 -6.42 -10.92 17.49
C GLY B 97 -7.15 -11.26 16.20
N GLY B 98 -8.45 -10.97 16.17
CA GLY B 98 -9.23 -11.06 14.94
C GLY B 98 -9.02 -9.78 14.13
N VAL B 99 -9.57 -9.74 12.92
CA VAL B 99 -9.42 -8.57 12.05
C VAL B 99 -10.72 -7.83 11.93
N PHE B 100 -10.65 -6.51 12.18
CA PHE B 100 -11.74 -5.61 11.95
C PHE B 100 -11.56 -5.02 10.57
N LYS B 101 -12.63 -5.00 9.77
CA LYS B 101 -12.66 -4.13 8.59
C LYS B 101 -12.95 -2.69 9.04
N ILE B 102 -12.20 -1.74 8.49
CA ILE B 102 -12.37 -0.32 8.76
C ILE B 102 -12.39 0.47 7.44
N ASP B 103 -13.16 1.54 7.43
CA ASP B 103 -13.16 2.50 6.35
C ASP B 103 -12.50 3.79 6.85
N TRP B 104 -11.39 4.16 6.20
CA TRP B 104 -10.70 5.38 6.56
C TRP B 104 -11.55 6.65 6.26
N ILE B 105 -11.52 7.59 7.18
CA ILE B 105 -12.24 8.86 6.98
C ILE B 105 -11.24 9.94 6.70
N CYS B 106 -10.05 9.78 7.27
CA CYS B 106 -8.97 10.74 7.06
C CYS B 106 -7.66 9.97 7.27
N ARG B 107 -6.78 10.08 6.31
CA ARG B 107 -5.42 9.47 6.39
C ARG B 107 -4.30 10.48 6.52
N ARG B 108 -4.68 11.72 6.79
CA ARG B 108 -3.74 12.78 7.00
C ARG B 108 -3.39 12.97 8.45
N GLU B 109 -2.18 13.45 8.69
CA GLU B 109 -1.65 13.66 10.02
C GLU B 109 -2.26 14.87 10.68
N LEU B 110 -2.36 14.79 12.00
CA LEU B 110 -2.71 15.90 12.84
C LEU B 110 -1.69 15.91 13.97
N PRO B 111 -0.79 16.89 14.00
CA PRO B 111 0.19 16.94 15.06
C PRO B 111 -0.46 17.25 16.37
N PHE B 112 0.12 16.76 17.46
CA PHE B 112 -0.45 16.99 18.79
C PHE B 112 -0.54 18.48 19.14
N THR B 113 0.33 19.31 18.57
CA THR B 113 0.24 20.75 18.79
C THR B 113 -1.12 21.30 18.40
N LYS B 114 -1.77 20.70 17.39
CA LYS B 114 -3.10 21.14 16.96
C LYS B 114 -4.28 20.64 17.84
N SER B 115 -4.04 19.74 18.78
CA SER B 115 -5.11 19.17 19.64
C SER B 115 -4.93 19.52 21.13
N ALA B 116 -4.04 20.47 21.41
CA ALA B 116 -3.60 20.72 22.79
C ALA B 116 -4.68 21.33 23.68
N HIS B 117 -5.72 21.88 23.04
CA HIS B 117 -6.86 22.48 23.71
C HIS B 117 -7.95 21.45 24.12
N LEU B 118 -7.80 20.23 23.65
CA LEU B 118 -8.83 19.23 23.81
C LEU B 118 -8.41 18.27 24.87
N THR B 119 -9.28 18.11 25.87
CA THR B 119 -9.08 17.19 26.98
C THR B 119 -10.23 16.19 27.04
N ASN B 120 -9.93 15.00 27.54
CA ASN B 120 -10.88 13.87 27.50
C ASN B 120 -11.42 13.58 28.90
N PRO B 121 -12.70 13.91 29.15
CA PRO B 121 -13.32 13.70 30.42
C PRO B 121 -13.22 12.28 30.91
N TRP B 122 -13.16 11.33 29.99
CA TRP B 122 -13.14 9.92 30.38
C TRP B 122 -11.71 9.43 30.55
N ASN B 123 -10.73 10.33 30.45
CA ASN B 123 -9.37 10.04 30.91
C ASN B 123 -8.86 11.12 31.83
N GLU B 124 -9.64 11.38 32.88
CA GLU B 124 -9.31 12.37 33.92
C GLU B 124 -9.05 13.76 33.37
N HIS B 125 -9.68 14.09 32.26
CA HIS B 125 -9.59 15.39 31.62
C HIS B 125 -8.17 15.71 31.26
N LYS B 126 -7.40 14.68 30.89
CA LYS B 126 -6.07 14.84 30.35
C LYS B 126 -6.17 15.17 28.88
N PRO B 127 -5.15 15.91 28.35
CA PRO B 127 -5.11 16.19 26.91
C PRO B 127 -5.31 14.91 26.14
N VAL B 128 -6.09 15.02 25.07
CA VAL B 128 -6.62 13.88 24.35
C VAL B 128 -5.50 13.07 23.67
N LYS B 129 -4.36 13.72 23.39
CA LYS B 129 -3.15 13.00 22.93
C LYS B 129 -2.64 11.96 23.96
N ILE B 130 -3.02 12.09 25.23
CA ILE B 130 -2.57 11.14 26.27
C ILE B 130 -3.58 10.00 26.41
N GLY B 131 -3.10 8.76 26.35
CA GLY B 131 -4.00 7.62 26.50
C GLY B 131 -3.34 6.34 26.06
N ARG B 132 -3.78 5.24 26.63
CA ARG B 132 -3.29 3.93 26.30
C ARG B 132 -3.97 3.51 25.03
N ASP B 133 -3.37 2.58 24.30
CA ASP B 133 -4.06 1.91 23.20
C ASP B 133 -5.43 1.45 23.68
N GLY B 134 -6.47 1.87 22.98
CA GLY B 134 -7.84 1.48 23.29
C GLY B 134 -8.59 2.42 24.21
N GLN B 135 -7.94 3.50 24.62
CA GLN B 135 -8.59 4.48 25.53
C GLN B 135 -9.83 5.06 24.81
N GLU B 136 -11.02 4.96 25.41
CA GLU B 136 -12.21 5.55 24.82
C GLU B 136 -12.21 7.07 25.03
N ILE B 137 -12.60 7.79 23.99
CA ILE B 137 -12.66 9.23 24.03
C ILE B 137 -14.12 9.65 24.10
N GLU B 138 -14.46 10.50 25.07
CA GLU B 138 -15.82 11.00 25.24
C GLU B 138 -16.33 11.68 23.94
N LEU B 139 -17.62 11.57 23.71
CA LEU B 139 -18.30 12.03 22.46
C LEU B 139 -17.89 13.37 21.94
N GLU B 140 -18.02 14.43 22.74
CA GLU B 140 -17.73 15.78 22.26
C GLU B 140 -16.26 15.98 22.01
N CYS B 141 -15.42 15.51 22.90
CA CYS B 141 -13.97 15.56 22.66
C CYS B 141 -13.57 14.84 21.35
N GLY B 142 -14.08 13.65 21.16
CA GLY B 142 -13.73 12.88 19.98
C GLY B 142 -14.20 13.53 18.69
N THR B 143 -15.41 14.11 18.74
CA THR B 143 -15.99 14.78 17.61
C THR B 143 -15.12 16.01 17.26
N GLN B 144 -14.75 16.82 18.26
CA GLN B 144 -13.91 18.00 17.97
C GLN B 144 -12.52 17.56 17.48
N LEU B 145 -12.01 16.45 18.00
CA LEU B 145 -10.68 15.97 17.56
C LEU B 145 -10.74 15.59 16.09
N CYS B 146 -11.73 14.77 15.72
CA CYS B 146 -11.94 14.40 14.32
C CYS B 146 -12.07 15.60 13.39
N LEU B 147 -12.78 16.64 13.85
CA LEU B 147 -13.02 17.84 13.06
C LEU B 147 -11.72 18.64 12.85
N LEU B 148 -10.66 18.39 13.65
CA LEU B 148 -9.43 19.16 13.50
C LEU B 148 -8.61 18.68 12.33
N PHE B 149 -8.85 17.45 11.89
CA PHE B 149 -8.04 16.86 10.85
C PHE B 149 -8.30 17.57 9.53
N PRO B 150 -7.28 17.65 8.67
CA PRO B 150 -7.57 18.31 7.42
C PRO B 150 -8.40 17.42 6.52
N PRO B 151 -9.16 18.01 5.59
CA PRO B 151 -9.88 17.21 4.61
C PRO B 151 -8.92 16.31 3.81
N ASP B 152 -9.34 15.09 3.52
CA ASP B 152 -8.52 14.15 2.76
C ASP B 152 -9.15 13.93 1.41
N GLU B 153 -8.48 14.45 0.36
CA GLU B 153 -8.97 14.39 -1.01
C GLU B 153 -8.91 12.96 -1.59
N SER B 154 -8.17 12.06 -0.93
CA SER B 154 -8.10 10.66 -1.34
C SER B 154 -9.28 9.84 -0.79
N ILE B 155 -10.07 10.43 0.10
CA ILE B 155 -11.17 9.73 0.79
C ILE B 155 -12.48 10.17 0.22
N ASP B 156 -13.39 9.21 -0.03
CA ASP B 156 -14.76 9.47 -0.47
C ASP B 156 -15.66 8.90 0.62
N LEU B 157 -16.38 9.77 1.34
CA LEU B 157 -17.25 9.35 2.42
C LEU B 157 -18.53 8.61 2.01
N TYR B 158 -18.77 8.51 0.71
CA TYR B 158 -20.01 7.96 0.14
C TYR B 158 -20.27 6.55 0.66
N GLN B 159 -19.22 5.75 0.68
CA GLN B 159 -19.33 4.32 0.99
C GLN B 159 -19.69 4.21 2.45
N VAL B 160 -19.06 5.03 3.26
CA VAL B 160 -19.39 5.08 4.66
C VAL B 160 -20.86 5.49 4.88
N ILE B 161 -21.24 6.60 4.27
CA ILE B 161 -22.60 7.10 4.38
C ILE B 161 -23.59 6.06 3.88
N HIS B 162 -23.27 5.43 2.75
CA HIS B 162 -24.19 4.49 2.10
C HIS B 162 -24.46 3.27 2.96
N LYS B 163 -23.52 2.89 3.82
CA LYS B 163 -23.78 1.79 4.77
C LYS B 163 -24.25 2.22 6.18
N MET B 164 -24.55 3.51 6.35
CA MET B 164 -25.26 3.97 7.54
C MET B 164 -26.74 4.22 7.13
UNK UNX C . 14.89 -5.60 -2.00
UNK UNX D . 10.22 6.19 -4.62
UNK UNX E . 17.42 4.66 -6.94
UNK UNX F . 17.41 3.74 -16.41
UNK UNX G . -4.27 -19.46 -14.59
S SO4 H . -0.36 14.11 5.32
O1 SO4 H . -0.26 13.32 6.59
O2 SO4 H . 0.96 14.54 4.80
O3 SO4 H . -0.99 13.25 4.28
O4 SO4 H . -1.19 15.33 5.55
UNK UNX I . -11.25 2.70 28.97
UNK UNX J . -15.23 -15.01 13.73
UNK UNX K . 1.06 -1.97 15.74
UNK UNX L . 3.82 7.75 22.59
UNK UNX M . 0.38 4.85 25.01
UNK UNX N . -0.56 0.48 25.77
#